data_6B1W
#
_entry.id   6B1W
#
_cell.length_a   34.528
_cell.length_b   37.348
_cell.length_c   82.068
_cell.angle_alpha   87.660
_cell.angle_beta   89.710
_cell.angle_gamma   84.310
#
_symmetry.space_group_name_H-M   'P 1'
#
loop_
_entity.id
_entity.type
_entity.pdbx_description
1 polymer 'Carbapenem-hydrolyzing beta-lactamase KPC'
2 non-polymer 'SULFATE ION'
3 non-polymer 'CHLORIDE ION'
4 non-polymer "(2S,5R)-1-formyl-N'-[(3R)-piperidine-3-carbonyl]-5-[(sulfooxy)amino]piperidine-2-carbohydrazide"
5 water water
#
_entity_poly.entity_id   1
_entity_poly.type   'polypeptide(L)'
_entity_poly.pdbx_seq_one_letter_code
;ATALTNLVAEPFAKLEQDFGGSIGVYAMDTGSGATVSYRAEERFPLCSSFKGFLAAAVLARSQQQAGLLDTPIRYGKNAL
VPWSPISEKYLTTGMTVAELSAAAVQYSDNAAANLLLKELGGPAGLTAFMRSIGDTTFRLDRWELELNSAIPGDARDTSS
PRAVTESLQKLTLGSALAAPQRQQFVDWLKGNTTGNHRIRAAVPADWAVGDKTGTCGVYGTANDYAVVWPTGRAPIVLAV
YTRAPNKDDKHSEAVIAAAARLALEGLG
;
_entity_poly.pdbx_strand_id   A,B
#
loop_
_chem_comp.id
_chem_comp.type
_chem_comp.name
_chem_comp.formula
C8V non-polymer (2S,5R)-1-formyl-N'-[(3R)-piperidine-3-carbonyl]-5-[(sulfooxy)amino]piperidine-2-carbohydrazide 'C13 H23 N5 O7 S'
CL non-polymer 'CHLORIDE ION' 'Cl -1'
SO4 non-polymer 'SULFATE ION' 'O4 S -2'
#
# COMPACT_ATOMS: atom_id res chain seq x y z
N ALA A 1 33.10 45.41 -2.42
CA ALA A 1 33.82 44.25 -1.83
C ALA A 1 32.83 43.20 -1.37
N THR A 2 33.26 41.94 -1.41
CA THR A 2 32.43 40.82 -1.00
C THR A 2 32.58 40.49 0.48
N ALA A 3 31.62 39.74 0.98
CA ALA A 3 31.66 39.22 2.35
C ALA A 3 32.98 38.51 2.65
N LEU A 4 33.39 38.69 3.89
CA LEU A 4 34.48 37.97 4.51
C LEU A 4 33.92 36.67 5.05
N THR A 5 34.03 35.62 4.26
CA THR A 5 33.29 34.39 4.57
C THR A 5 33.95 33.69 5.74
N ASN A 6 35.24 33.97 5.97
CA ASN A 6 35.92 33.51 7.17
C ASN A 6 35.25 34.02 8.46
N LEU A 7 34.80 35.29 8.43
CA LEU A 7 34.11 35.86 9.58
C LEU A 7 32.71 35.31 9.69
N VAL A 8 32.03 35.12 8.55
CA VAL A 8 30.70 34.53 8.58
C VAL A 8 30.79 33.10 9.14
N ALA A 9 31.82 32.36 8.71
CA ALA A 9 32.05 30.96 9.18
C ALA A 9 32.36 30.71 10.66
N GLU A 10 33.12 31.62 11.29
CA GLU A 10 33.76 31.39 12.60
C GLU A 10 32.87 30.74 13.66
N PRO A 11 31.67 31.32 13.89
CA PRO A 11 30.84 30.72 14.94
C PRO A 11 30.26 29.37 14.62
N PHE A 12 30.11 29.02 13.34
CA PHE A 12 29.71 27.63 13.00
C PHE A 12 30.81 26.64 13.42
N ALA A 13 32.07 26.99 13.11
CA ALA A 13 33.20 26.14 13.48
C ALA A 13 33.31 25.97 15.01
N LYS A 14 33.01 27.02 15.76
CA LYS A 14 33.05 26.94 17.21
C LYS A 14 31.95 25.97 17.70
N LEU A 15 30.79 26.01 17.06
CA LEU A 15 29.68 25.11 17.42
C LEU A 15 30.05 23.67 17.14
N GLU A 16 30.72 23.44 16.01
CA GLU A 16 31.21 22.10 15.66
C GLU A 16 32.11 21.52 16.71
N GLN A 17 33.00 22.36 17.27
CA GLN A 17 33.96 21.91 18.30
C GLN A 17 33.26 21.18 19.43
N ASP A 18 32.34 21.85 20.10
CA ASP A 18 31.60 21.20 21.19
C ASP A 18 30.69 20.08 20.75
N PHE A 19 30.13 20.20 19.56
CA PHE A 19 29.27 19.17 19.04
C PHE A 19 29.99 17.83 18.77
N GLY A 20 31.22 17.93 18.31
CA GLY A 20 32.10 16.79 17.96
C GLY A 20 31.86 16.22 16.58
N GLY A 21 31.29 17.02 15.69
CA GLY A 21 31.02 16.58 14.34
C GLY A 21 30.94 17.75 13.41
N SER A 22 30.28 17.54 12.27
CA SER A 22 30.24 18.49 11.21
C SER A 22 28.82 19.05 11.08
N ILE A 23 28.77 20.36 10.83
CA ILE A 23 27.56 21.07 10.59
C ILE A 23 27.61 21.68 9.20
N GLY A 24 26.54 21.49 8.44
CA GLY A 24 26.41 21.99 7.08
C GLY A 24 25.24 22.94 6.97
N VAL A 25 25.47 24.15 6.46
CA VAL A 25 24.44 25.20 6.45
C VAL A 25 24.42 25.96 5.12
N TYR A 26 23.22 26.19 4.59
CA TYR A 26 23.06 27.14 3.50
C TYR A 26 21.77 27.92 3.75
N ALA A 27 21.85 29.23 3.59
CA ALA A 27 20.70 30.10 3.80
C ALA A 27 20.68 31.13 2.67
N MET A 28 19.50 31.38 2.10
CA MET A 28 19.34 32.30 0.95
C MET A 28 18.23 33.28 1.27
N ASP A 29 18.52 34.57 1.17
CA ASP A 29 17.49 35.60 1.32
C ASP A 29 16.96 35.87 -0.06
N THR A 30 15.68 35.57 -0.30
CA THR A 30 15.11 35.73 -1.65
C THR A 30 14.90 37.18 -2.03
N GLY A 31 14.88 38.11 -1.07
CA GLY A 31 14.79 39.54 -1.40
C GLY A 31 16.10 40.12 -1.88
N SER A 32 17.09 40.15 -1.01
CA SER A 32 18.39 40.72 -1.32
C SER A 32 19.33 39.83 -2.15
N GLY A 33 19.10 38.51 -2.12
CA GLY A 33 20.02 37.54 -2.72
C GLY A 33 21.21 37.18 -1.87
N ALA A 34 21.28 37.70 -0.64
CA ALA A 34 22.38 37.42 0.27
C ALA A 34 22.34 35.94 0.66
N THR A 35 23.50 35.36 0.94
CA THR A 35 23.60 33.95 1.40
C THR A 35 24.58 33.81 2.54
N VAL A 36 24.37 32.76 3.34
CA VAL A 36 25.34 32.25 4.32
C VAL A 36 25.59 30.77 3.94
N SER A 37 26.84 30.34 3.98
N SER A 37 26.87 30.38 3.84
CA SER A 37 27.29 29.05 3.43
CA SER A 37 27.28 29.01 3.52
C SER A 37 28.43 28.45 4.29
C SER A 37 28.31 28.56 4.54
N TYR A 38 28.19 27.31 4.94
CA TYR A 38 29.19 26.67 5.80
C TYR A 38 29.11 25.17 5.51
N ARG A 39 30.14 24.61 4.87
CA ARG A 39 30.11 23.20 4.43
C ARG A 39 28.89 22.94 3.54
N ALA A 40 28.49 23.94 2.77
CA ALA A 40 27.20 23.85 2.10
C ALA A 40 27.17 22.87 0.96
N GLU A 41 28.33 22.49 0.44
CA GLU A 41 28.40 21.54 -0.64
C GLU A 41 28.92 20.14 -0.23
N GLU A 42 29.12 19.94 1.08
CA GLU A 42 29.42 18.61 1.63
C GLU A 42 28.15 17.75 1.66
N ARG A 43 28.29 16.43 1.55
CA ARG A 43 27.12 15.57 1.59
C ARG A 43 26.79 15.22 3.04
N PHE A 44 25.49 15.17 3.30
CA PHE A 44 24.98 14.73 4.58
C PHE A 44 23.82 13.80 4.31
N PRO A 45 23.62 12.79 5.17
CA PRO A 45 22.45 11.96 4.97
C PRO A 45 21.13 12.70 5.09
N LEU A 46 20.18 12.35 4.23
CA LEU A 46 18.86 12.94 4.26
C LEU A 46 18.06 12.52 5.49
N CYS A 47 18.16 11.25 5.90
CA CYS A 47 17.26 10.74 6.94
C CYS A 47 15.79 10.98 6.49
N SER A 48 14.88 11.34 7.40
CA SER A 48 13.51 11.61 7.03
C SER A 48 13.29 12.86 6.19
N SER A 49 14.29 13.72 6.03
CA SER A 49 14.10 14.98 5.34
C SER A 49 13.77 14.80 3.84
N PHE A 50 14.05 13.63 3.27
CA PHE A 50 13.61 13.39 1.90
C PHE A 50 12.08 13.48 1.71
N LYS A 51 11.32 13.30 2.79
CA LYS A 51 9.86 13.23 2.73
C LYS A 51 9.22 14.53 2.25
N GLY A 52 9.86 15.68 2.45
CA GLY A 52 9.32 16.93 1.91
C GLY A 52 9.35 16.93 0.40
N PHE A 53 10.52 16.60 -0.14
CA PHE A 53 10.68 16.49 -1.59
C PHE A 53 9.81 15.37 -2.17
N LEU A 54 9.63 14.28 -1.41
CA LEU A 54 8.71 13.23 -1.82
C LEU A 54 7.33 13.82 -2.04
N ALA A 55 6.82 14.60 -1.07
CA ALA A 55 5.48 15.17 -1.21
C ALA A 55 5.39 16.13 -2.42
N ALA A 56 6.46 16.88 -2.67
CA ALA A 56 6.52 17.73 -3.86
C ALA A 56 6.44 16.93 -5.16
N ALA A 57 7.09 15.78 -5.19
CA ALA A 57 7.11 14.92 -6.36
C ALA A 57 5.72 14.31 -6.57
N VAL A 58 5.06 13.96 -5.48
CA VAL A 58 3.68 13.48 -5.53
C VAL A 58 2.75 14.58 -6.09
N LEU A 59 2.88 15.80 -5.57
CA LEU A 59 2.15 16.94 -6.10
C LEU A 59 2.39 17.15 -7.62
N ALA A 60 3.65 17.01 -8.04
CA ALA A 60 3.98 17.09 -9.47
C ALA A 60 3.27 16.02 -10.31
N ARG A 61 3.26 14.80 -9.82
CA ARG A 61 2.53 13.73 -10.48
C ARG A 61 1.03 14.05 -10.56
N SER A 62 0.48 14.63 -9.49
CA SER A 62 -0.96 14.94 -9.46
C SER A 62 -1.37 15.94 -10.51
N GLN A 63 -0.43 16.76 -10.97
CA GLN A 63 -0.70 17.70 -12.05
C GLN A 63 -1.12 16.99 -13.33
N GLN A 64 -0.62 15.78 -13.55
CA GLN A 64 -0.91 14.94 -14.71
C GLN A 64 -1.81 13.75 -14.44
N GLN A 65 -2.38 13.66 -13.24
CA GLN A 65 -3.21 12.53 -12.85
C GLN A 65 -4.32 13.07 -11.98
N ALA A 66 -5.41 13.48 -12.61
CA ALA A 66 -6.44 14.18 -11.88
C ALA A 66 -7.01 13.29 -10.76
N GLY A 67 -7.26 13.88 -9.59
CA GLY A 67 -7.74 13.15 -8.42
C GLY A 67 -6.82 12.09 -7.84
N LEU A 68 -5.54 12.05 -8.23
CA LEU A 68 -4.53 11.22 -7.53
C LEU A 68 -4.55 11.48 -6.03
N LEU A 69 -4.61 12.76 -5.62
CA LEU A 69 -4.51 13.12 -4.19
C LEU A 69 -5.64 12.54 -3.32
N ASP A 70 -6.83 12.38 -3.89
CA ASP A 70 -7.96 11.82 -3.16
C ASP A 70 -8.18 10.35 -3.41
N THR A 71 -7.24 9.71 -4.09
CA THR A 71 -7.25 8.27 -4.28
C THR A 71 -6.81 7.53 -3.03
N PRO A 72 -7.65 6.63 -2.50
CA PRO A 72 -7.21 5.82 -1.36
C PRO A 72 -6.18 4.78 -1.74
N ILE A 73 -5.12 4.70 -0.94
N ILE A 73 -5.09 4.69 -0.98
CA ILE A 73 -4.17 3.60 -0.93
CA ILE A 73 -4.21 3.53 -1.04
C ILE A 73 -4.54 2.70 0.24
C ILE A 73 -4.48 2.68 0.20
N ARG A 74 -4.92 1.45 -0.06
CA ARG A 74 -5.29 0.49 0.96
C ARG A 74 -4.14 -0.53 0.98
N TYR A 75 -3.54 -0.71 2.13
CA TYR A 75 -2.33 -1.50 2.26
C TYR A 75 -2.50 -2.62 3.26
N GLY A 76 -1.60 -3.60 3.18
CA GLY A 76 -1.48 -4.67 4.15
C GLY A 76 -0.44 -4.39 5.21
N LYS A 77 -0.30 -5.31 6.15
CA LYS A 77 0.75 -5.15 7.20
C LYS A 77 2.19 -5.03 6.70
N ASN A 78 2.53 -5.52 5.50
CA ASN A 78 3.90 -5.34 4.94
C ASN A 78 4.30 -3.92 4.66
N ALA A 79 3.32 -3.02 4.51
CA ALA A 79 3.65 -1.61 4.36
C ALA A 79 4.25 -1.08 5.68
N LEU A 80 3.98 -1.72 6.81
CA LEU A 80 4.25 -1.07 8.07
C LEU A 80 5.64 -1.31 8.57
N VAL A 81 6.24 -0.25 9.12
CA VAL A 81 7.55 -0.27 9.78
C VAL A 81 7.42 0.69 10.98
N PRO A 82 8.34 0.57 11.96
CA PRO A 82 8.29 1.48 13.10
C PRO A 82 8.44 2.95 12.67
N TRP A 83 7.95 3.86 13.53
CA TRP A 83 7.80 5.30 13.27
C TRP A 83 6.86 5.58 12.10
N SER A 84 5.69 5.01 12.19
CA SER A 84 4.64 5.18 11.21
C SER A 84 3.30 5.35 11.98
N PRO A 85 3.21 6.38 12.83
CA PRO A 85 2.09 6.51 13.78
C PRO A 85 0.73 6.71 13.07
N ILE A 86 0.73 7.39 11.93
CA ILE A 86 -0.53 7.67 11.23
C ILE A 86 -0.90 6.50 10.37
N SER A 87 0.03 5.96 9.58
CA SER A 87 -0.35 4.82 8.76
C SER A 87 -0.74 3.59 9.57
N GLU A 88 -0.12 3.42 10.73
CA GLU A 88 -0.51 2.31 11.65
C GLU A 88 -1.97 2.50 12.10
N LYS A 89 -2.40 3.73 12.38
CA LYS A 89 -3.75 4.02 12.82
C LYS A 89 -4.83 3.66 11.78
N TYR A 90 -4.48 3.76 10.50
CA TYR A 90 -5.44 3.51 9.38
C TYR A 90 -5.23 2.20 8.62
N LEU A 91 -4.50 1.27 9.24
CA LEU A 91 -4.27 -0.04 8.57
C LEU A 91 -5.60 -0.71 8.12
N THR A 92 -6.63 -0.65 8.98
CA THR A 92 -7.90 -1.31 8.70
C THR A 92 -8.79 -0.58 7.71
N THR A 93 -8.39 0.61 7.23
CA THR A 93 -9.17 1.34 6.21
C THR A 93 -8.40 1.76 4.99
N GLY A 94 -7.20 2.27 5.16
CA GLY A 94 -6.47 2.92 4.05
C GLY A 94 -6.41 4.42 4.24
N MET A 95 -5.60 5.07 3.40
CA MET A 95 -5.38 6.48 3.46
C MET A 95 -5.28 6.99 2.04
N THR A 96 -5.78 8.20 1.78
CA THR A 96 -5.61 8.80 0.46
C THR A 96 -4.18 9.23 0.30
N VAL A 97 -3.80 9.46 -0.97
CA VAL A 97 -2.46 9.94 -1.29
C VAL A 97 -2.18 11.25 -0.55
N ALA A 98 -3.16 12.15 -0.51
CA ALA A 98 -3.00 13.42 0.23
C ALA A 98 -2.75 13.19 1.71
N GLU A 99 -3.54 12.32 2.32
CA GLU A 99 -3.36 11.99 3.74
C GLU A 99 -1.98 11.40 4.01
N LEU A 100 -1.55 10.50 3.14
CA LEU A 100 -0.21 9.95 3.22
C LEU A 100 0.90 10.97 3.11
N SER A 101 0.73 11.88 2.16
CA SER A 101 1.68 12.98 1.98
C SER A 101 1.77 13.88 3.21
N ALA A 102 0.62 14.29 3.71
CA ALA A 102 0.60 15.09 4.92
C ALA A 102 1.24 14.34 6.13
N ALA A 103 0.99 13.04 6.21
CA ALA A 103 1.53 12.22 7.30
C ALA A 103 3.03 12.13 7.19
N ALA A 104 3.52 11.89 5.96
CA ALA A 104 4.97 11.81 5.73
C ALA A 104 5.64 13.13 6.05
N VAL A 105 5.04 14.23 5.66
CA VAL A 105 5.62 15.54 5.92
C VAL A 105 5.51 15.95 7.39
N GLN A 106 4.33 15.80 7.98
CA GLN A 106 4.01 16.48 9.28
C GLN A 106 4.24 15.62 10.51
N TYR A 107 4.24 14.31 10.30
CA TYR A 107 4.55 13.33 11.33
C TYR A 107 5.77 12.46 10.98
N SER A 108 6.40 12.70 9.83
CA SER A 108 7.54 11.92 9.40
C SER A 108 7.25 10.43 9.31
N ASP A 109 6.04 10.09 8.89
CA ASP A 109 5.58 8.71 8.94
C ASP A 109 6.38 7.91 7.91
N ASN A 110 7.04 6.85 8.38
CA ASN A 110 7.89 6.01 7.49
C ASN A 110 7.14 5.18 6.44
N ALA A 111 6.13 4.44 6.88
CA ALA A 111 5.35 3.61 5.98
C ALA A 111 4.64 4.45 4.94
N ALA A 112 4.09 5.60 5.36
CA ALA A 112 3.50 6.55 4.40
C ALA A 112 4.49 6.96 3.34
N ALA A 113 5.73 7.24 3.71
CA ALA A 113 6.71 7.59 2.73
C ALA A 113 7.01 6.42 1.79
N ASN A 114 7.09 5.19 2.31
CA ASN A 114 7.38 4.06 1.44
C ASN A 114 6.23 3.85 0.44
N LEU A 115 4.99 4.01 0.94
CA LEU A 115 3.83 3.89 0.03
C LEU A 115 3.91 4.90 -1.13
N LEU A 116 4.25 6.13 -0.82
CA LEU A 116 4.32 7.16 -1.83
C LEU A 116 5.50 6.92 -2.74
N LEU A 117 6.61 6.42 -2.19
CA LEU A 117 7.77 6.06 -3.06
C LEU A 117 7.37 5.05 -4.09
N LYS A 118 6.59 4.08 -3.69
CA LYS A 118 6.10 3.07 -4.59
C LYS A 118 5.32 3.70 -5.73
N GLU A 119 4.50 4.68 -5.40
CA GLU A 119 3.75 5.40 -6.45
C GLU A 119 4.63 6.09 -7.46
N LEU A 120 5.83 6.50 -7.06
CA LEU A 120 6.72 7.23 -7.93
C LEU A 120 7.71 6.37 -8.64
N GLY A 121 7.66 5.06 -8.45
CA GLY A 121 8.66 4.17 -9.00
C GLY A 121 9.89 4.03 -8.11
N GLY A 122 9.71 4.08 -6.80
CA GLY A 122 10.81 3.86 -5.87
C GLY A 122 11.74 5.03 -5.66
N PRO A 123 12.78 4.84 -4.82
CA PRO A 123 13.78 5.88 -4.58
C PRO A 123 14.27 6.52 -5.86
N ALA A 124 14.55 5.71 -6.87
CA ALA A 124 15.01 6.27 -8.14
C ALA A 124 14.00 7.24 -8.79
N GLY A 125 12.70 6.97 -8.63
CA GLY A 125 11.65 7.89 -9.12
C GLY A 125 11.71 9.26 -8.47
N LEU A 126 11.93 9.31 -7.15
CA LEU A 126 12.07 10.60 -6.47
C LEU A 126 13.36 11.31 -6.91
N THR A 127 14.46 10.56 -7.03
CA THR A 127 15.71 11.14 -7.51
C THR A 127 15.54 11.72 -8.92
N ALA A 128 14.81 11.01 -9.76
CA ALA A 128 14.49 11.50 -11.12
C ALA A 128 13.67 12.78 -11.09
N PHE A 129 12.72 12.88 -10.16
CA PHE A 129 12.00 14.13 -10.04
C PHE A 129 12.96 15.26 -9.70
N MET A 130 13.86 15.03 -8.75
CA MET A 130 14.78 16.07 -8.35
C MET A 130 15.71 16.48 -9.48
N ARG A 131 16.18 15.52 -10.27
CA ARG A 131 16.94 15.84 -11.51
C ARG A 131 16.14 16.72 -12.49
N SER A 132 14.83 16.48 -12.60
CA SER A 132 13.97 17.23 -13.51
C SER A 132 13.90 18.73 -13.20
N ILE A 133 14.09 19.10 -11.93
CA ILE A 133 14.18 20.49 -11.54
C ILE A 133 15.61 21.02 -11.38
N GLY A 134 16.59 20.28 -11.89
CA GLY A 134 17.97 20.76 -11.85
C GLY A 134 18.79 20.48 -10.62
N ASP A 135 18.29 19.61 -9.74
CA ASP A 135 19.07 19.12 -8.62
C ASP A 135 19.87 17.89 -8.99
N THR A 136 21.17 18.09 -9.18
CA THR A 136 22.11 17.04 -9.57
C THR A 136 22.78 16.37 -8.37
N THR A 137 22.50 16.88 -7.16
CA THR A 137 23.19 16.42 -5.93
C THR A 137 22.38 15.38 -5.18
N PHE A 138 21.07 15.62 -5.14
CA PHE A 138 20.15 14.81 -4.32
C PHE A 138 20.24 13.38 -4.78
N ARG A 139 20.35 12.45 -3.84
CA ARG A 139 20.21 11.02 -4.21
C ARG A 139 19.52 10.25 -3.12
N LEU A 140 18.39 9.65 -3.49
CA LEU A 140 17.73 8.71 -2.65
C LEU A 140 17.85 7.38 -3.37
N ASP A 141 18.46 6.43 -2.69
CA ASP A 141 18.74 5.11 -3.21
C ASP A 141 17.93 4.00 -2.58
N ARG A 142 17.68 4.13 -1.28
CA ARG A 142 17.02 3.11 -0.48
C ARG A 142 15.72 3.58 0.09
N TRP A 143 15.01 2.65 0.76
CA TRP A 143 13.69 2.89 1.38
C TRP A 143 13.78 3.02 2.88
N GLU A 144 12.66 3.35 3.51
CA GLU A 144 12.61 3.25 4.98
C GLU A 144 12.64 1.78 5.42
N LEU A 145 13.46 1.37 6.39
CA LEU A 145 14.31 2.18 7.27
C LEU A 145 15.78 2.19 6.88
N GLU A 146 16.16 1.44 5.84
CA GLU A 146 17.58 1.24 5.55
C GLU A 146 18.28 2.55 5.16
N LEU A 147 17.54 3.49 4.55
CA LEU A 147 18.11 4.77 4.10
C LEU A 147 18.72 5.60 5.26
N ASN A 148 18.36 5.27 6.51
CA ASN A 148 18.87 6.00 7.67
C ASN A 148 20.24 5.55 8.19
N SER A 149 20.92 4.61 7.54
CA SER A 149 22.13 4.02 8.13
C SER A 149 23.21 5.04 8.39
N ALA A 150 23.33 6.04 7.52
CA ALA A 150 24.17 7.21 7.77
C ALA A 150 25.63 6.81 8.00
N ILE A 151 26.07 5.77 7.29
CA ILE A 151 27.41 5.21 7.55
C ILE A 151 28.43 6.19 7.00
N PRO A 152 29.47 6.54 7.81
CA PRO A 152 30.43 7.47 7.24
C PRO A 152 31.03 7.06 5.89
N GLY A 153 31.15 8.00 4.97
CA GLY A 153 31.66 7.75 3.65
C GLY A 153 30.66 7.28 2.61
N ASP A 154 29.49 6.81 3.06
CA ASP A 154 28.42 6.40 2.16
C ASP A 154 27.76 7.65 1.52
N ALA A 155 27.72 7.72 0.19
CA ALA A 155 27.05 8.81 -0.52
C ALA A 155 25.58 8.50 -0.82
N ARG A 156 25.16 7.26 -0.62
CA ARG A 156 23.77 6.90 -0.86
C ARG A 156 22.90 7.67 0.13
N ASP A 157 21.73 8.05 -0.34
CA ASP A 157 20.73 8.73 0.50
C ASP A 157 21.24 10.03 1.15
N THR A 158 21.92 10.82 0.36
CA THR A 158 22.44 12.09 0.82
C THR A 158 22.08 13.23 -0.10
N SER A 159 22.24 14.44 0.42
CA SER A 159 22.36 15.60 -0.45
C SER A 159 23.25 16.61 0.22
N SER A 160 23.29 17.83 -0.34
CA SER A 160 24.05 18.92 0.29
C SER A 160 23.10 19.98 0.87
N PRO A 161 23.51 20.72 1.88
CA PRO A 161 22.66 21.83 2.34
C PRO A 161 22.28 22.80 1.23
N ARG A 162 23.21 23.10 0.35
CA ARG A 162 22.96 24.04 -0.72
C ARG A 162 21.91 23.53 -1.70
N ALA A 163 22.07 22.28 -2.16
CA ALA A 163 21.14 21.67 -3.11
C ALA A 163 19.73 21.54 -2.51
N VAL A 164 19.68 21.16 -1.25
CA VAL A 164 18.40 21.09 -0.49
C VAL A 164 17.72 22.46 -0.48
N THR A 165 18.47 23.50 -0.12
CA THR A 165 17.91 24.87 -0.08
C THR A 165 17.47 25.32 -1.46
N GLU A 166 18.31 25.05 -2.47
CA GLU A 166 17.98 25.48 -3.84
C GLU A 166 16.72 24.81 -4.33
N SER A 167 16.59 23.52 -4.07
CA SER A 167 15.44 22.75 -4.48
C SER A 167 14.19 23.17 -3.74
N LEU A 168 14.34 23.44 -2.43
CA LEU A 168 13.23 23.89 -1.64
C LEU A 168 12.70 25.24 -2.17
N GLN A 169 13.61 26.17 -2.51
N GLN A 169 13.61 26.15 -2.50
CA GLN A 169 13.22 27.47 -3.07
CA GLN A 169 13.24 27.46 -3.05
C GLN A 169 12.42 27.31 -4.37
C GLN A 169 12.45 27.34 -4.38
N LYS A 170 12.93 26.48 -5.28
CA LYS A 170 12.26 26.25 -6.56
C LYS A 170 10.82 25.77 -6.39
N LEU A 171 10.61 24.90 -5.40
CA LEU A 171 9.36 24.20 -5.21
C LEU A 171 8.33 24.95 -4.37
N THR A 172 8.79 25.78 -3.43
CA THR A 172 7.90 26.50 -2.53
C THR A 172 7.64 27.93 -2.99
N LEU A 173 8.60 28.56 -3.66
CA LEU A 173 8.55 30.00 -4.00
C LEU A 173 8.61 30.22 -5.49
N GLY A 174 9.44 29.45 -6.17
CA GLY A 174 9.50 29.46 -7.62
C GLY A 174 8.27 28.78 -8.19
N SER A 175 8.20 28.80 -9.52
CA SER A 175 7.04 28.25 -10.22
C SER A 175 7.28 26.80 -10.76
N ALA A 176 8.18 26.04 -10.12
CA ALA A 176 8.47 24.68 -10.55
C ALA A 176 7.19 23.82 -10.59
N LEU A 177 6.33 24.00 -9.58
CA LEU A 177 5.01 23.40 -9.51
C LEU A 177 3.97 24.44 -9.95
N ALA A 178 2.81 23.95 -10.37
CA ALA A 178 1.63 24.79 -10.59
C ALA A 178 1.22 25.42 -9.27
N ALA A 179 0.55 26.57 -9.35
CA ALA A 179 0.29 27.33 -8.12
C ALA A 179 -0.53 26.56 -7.06
N PRO A 180 -1.56 25.79 -7.46
CA PRO A 180 -2.26 25.09 -6.32
C PRO A 180 -1.37 24.07 -5.61
N GLN A 181 -0.51 23.41 -6.37
CA GLN A 181 0.36 22.35 -5.86
C GLN A 181 1.46 22.97 -5.01
N ARG A 182 1.99 24.09 -5.49
CA ARG A 182 2.96 24.88 -4.73
C ARG A 182 2.36 25.28 -3.38
N GLN A 183 1.13 25.81 -3.39
CA GLN A 183 0.52 26.24 -2.13
C GLN A 183 0.24 25.04 -1.23
N GLN A 184 -0.17 23.91 -1.80
CA GLN A 184 -0.37 22.68 -0.99
C GLN A 184 0.95 22.21 -0.28
N PHE A 185 2.06 22.29 -0.99
CA PHE A 185 3.36 21.94 -0.41
C PHE A 185 3.73 22.85 0.78
N VAL A 186 3.57 24.14 0.55
CA VAL A 186 3.78 25.15 1.56
C VAL A 186 2.89 24.85 2.77
N ASP A 187 1.60 24.61 2.55
CA ASP A 187 0.71 24.34 3.69
C ASP A 187 1.12 23.08 4.45
N TRP A 188 1.54 22.03 3.76
CA TRP A 188 1.99 20.81 4.44
C TRP A 188 3.24 21.11 5.30
N LEU A 189 4.22 21.78 4.71
CA LEU A 189 5.40 22.19 5.45
C LEU A 189 5.03 23.06 6.67
N LYS A 190 4.11 24.02 6.49
CA LYS A 190 3.73 24.91 7.59
C LYS A 190 3.13 24.19 8.78
N GLY A 191 2.47 23.08 8.50
CA GLY A 191 1.83 22.22 9.52
C GLY A 191 2.67 21.10 10.10
N ASN A 192 3.99 21.11 9.83
CA ASN A 192 4.82 20.15 10.44
C ASN A 192 4.76 20.24 11.97
N THR A 193 4.72 19.08 12.59
CA THR A 193 4.68 18.95 14.05
C THR A 193 5.99 18.56 14.68
N THR A 194 7.00 18.13 13.89
CA THR A 194 8.23 17.56 14.44
C THR A 194 9.42 18.50 14.58
N GLY A 195 9.23 19.76 14.21
CA GLY A 195 10.34 20.69 14.04
C GLY A 195 10.46 21.79 15.06
N ASN A 196 9.74 21.70 16.19
CA ASN A 196 9.62 22.86 17.08
C ASN A 196 10.91 23.25 17.78
N HIS A 197 11.83 22.31 17.93
CA HIS A 197 13.13 22.57 18.57
C HIS A 197 14.31 22.77 17.61
N ARG A 198 14.03 22.91 16.31
CA ARG A 198 15.09 23.06 15.31
C ARG A 198 15.03 24.48 14.72
N ILE A 199 14.88 24.65 13.40
CA ILE A 199 14.84 25.99 12.80
C ILE A 199 13.78 26.89 13.45
N ARG A 200 12.58 26.35 13.70
CA ARG A 200 11.49 27.11 14.34
C ARG A 200 11.88 27.78 15.65
N ALA A 201 12.76 27.12 16.41
CA ALA A 201 13.23 27.65 17.68
C ALA A 201 14.07 28.91 17.52
N ALA A 202 14.60 29.14 16.33
CA ALA A 202 15.44 30.30 16.02
C ALA A 202 14.65 31.45 15.45
N VAL A 203 13.37 31.23 15.15
CA VAL A 203 12.54 32.15 14.37
C VAL A 203 11.48 32.80 15.29
N PRO A 204 11.28 34.15 15.20
CA PRO A 204 10.24 34.71 16.06
C PRO A 204 8.90 34.02 15.82
N ALA A 205 8.19 33.77 16.91
CA ALA A 205 6.93 33.02 16.88
C ALA A 205 5.93 33.53 15.84
N ASP A 206 5.86 34.83 15.67
CA ASP A 206 4.85 35.39 14.77
C ASP A 206 5.22 35.33 13.28
N TRP A 207 6.39 34.79 12.91
CA TRP A 207 6.73 34.54 11.53
C TRP A 207 6.38 33.12 11.14
N ALA A 208 5.69 32.99 10.01
CA ALA A 208 5.38 31.68 9.43
C ALA A 208 6.66 30.91 9.04
N VAL A 209 6.63 29.62 9.31
CA VAL A 209 7.73 28.72 9.03
C VAL A 209 7.12 27.42 8.50
N GLY A 210 7.72 26.87 7.44
CA GLY A 210 7.41 25.50 7.01
C GLY A 210 8.73 24.75 6.98
N ASP A 211 8.74 23.54 7.52
CA ASP A 211 9.97 22.80 7.63
C ASP A 211 9.75 21.34 7.51
N LYS A 212 10.86 20.63 7.25
CA LYS A 212 10.90 19.16 7.37
C LYS A 212 12.21 18.73 8.02
N THR A 213 12.08 17.86 9.01
CA THR A 213 13.20 17.37 9.83
C THR A 213 13.68 16.00 9.36
N GLY A 214 14.86 15.59 9.84
CA GLY A 214 15.36 14.24 9.70
C GLY A 214 16.19 13.90 10.91
N THR A 215 16.08 12.67 11.38
CA THR A 215 16.88 12.20 12.49
C THR A 215 17.25 10.75 12.24
N CYS A 216 18.47 10.48 11.79
CA CYS A 216 18.85 9.10 11.44
C CYS A 216 19.01 8.15 12.65
N GLY A 217 19.24 8.73 13.82
CA GLY A 217 19.36 7.98 15.09
C GLY A 217 20.76 7.45 15.36
N VAL A 218 21.72 7.80 14.51
CA VAL A 218 23.11 7.29 14.58
C VAL A 218 24.06 8.31 13.98
N TYR A 219 25.34 8.20 14.27
CA TYR A 219 26.34 9.08 13.68
C TYR A 219 26.05 10.58 13.81
N GLY A 220 25.43 10.97 14.91
CA GLY A 220 25.11 12.38 15.18
C GLY A 220 24.36 13.03 14.05
N THR A 221 23.55 12.24 13.32
CA THR A 221 23.06 12.68 12.02
C THR A 221 21.62 13.07 12.08
N ALA A 222 21.36 14.35 11.87
CA ALA A 222 20.05 14.94 12.02
C ALA A 222 20.01 16.26 11.27
N ASN A 223 18.81 16.73 10.94
CA ASN A 223 18.73 17.92 10.08
C ASN A 223 17.33 18.57 10.10
N ASP A 224 17.27 19.73 9.43
CA ASP A 224 16.04 20.44 9.20
C ASP A 224 16.23 21.39 8.04
N TYR A 225 15.21 21.56 7.20
CA TYR A 225 15.18 22.64 6.24
C TYR A 225 13.87 23.37 6.32
N ALA A 226 13.87 24.63 5.93
CA ALA A 226 12.70 25.46 6.09
C ALA A 226 12.62 26.62 5.15
N VAL A 227 11.37 27.07 4.95
CA VAL A 227 11.12 28.37 4.39
C VAL A 227 10.57 29.20 5.55
N VAL A 228 11.10 30.41 5.68
CA VAL A 228 10.72 31.34 6.75
C VAL A 228 10.19 32.60 6.07
N TRP A 229 9.03 33.11 6.53
CA TRP A 229 8.45 34.37 6.01
C TRP A 229 8.46 35.41 7.11
N PRO A 230 9.46 36.29 7.13
CA PRO A 230 9.37 37.37 8.08
C PRO A 230 8.28 38.33 7.63
N THR A 231 7.53 38.88 8.58
CA THR A 231 6.36 39.69 8.28
C THR A 231 6.77 40.89 7.46
N GLY A 232 6.15 41.04 6.29
CA GLY A 232 6.41 42.19 5.38
C GLY A 232 7.75 42.20 4.67
N ARG A 233 8.45 41.05 4.64
CA ARG A 233 9.76 40.96 4.02
C ARG A 233 9.80 39.74 3.06
N ALA A 234 10.81 39.69 2.23
CA ALA A 234 11.01 38.53 1.36
C ALA A 234 11.41 37.29 2.19
N PRO A 235 10.85 36.11 1.84
CA PRO A 235 11.16 34.89 2.59
C PRO A 235 12.62 34.44 2.50
N ILE A 236 13.02 33.68 3.51
CA ILE A 236 14.31 33.03 3.60
C ILE A 236 14.12 31.52 3.38
N VAL A 237 15.05 30.93 2.65
CA VAL A 237 15.14 29.48 2.56
C VAL A 237 16.47 29.03 3.16
N LEU A 238 16.44 27.97 3.96
CA LEU A 238 17.67 27.46 4.57
C LEU A 238 17.63 25.99 4.95
N ALA A 239 18.83 25.43 5.10
CA ALA A 239 19.02 24.03 5.43
C ALA A 239 20.15 23.88 6.41
N VAL A 240 19.94 23.04 7.42
CA VAL A 240 20.94 22.78 8.47
C VAL A 240 21.03 21.28 8.64
N TYR A 241 22.20 20.68 8.33
CA TYR A 241 22.45 19.23 8.41
C TYR A 241 23.66 18.94 9.28
N THR A 242 23.56 17.89 10.10
CA THR A 242 24.69 17.45 10.92
C THR A 242 25.05 16.01 10.66
N ARG A 243 26.30 15.69 10.94
CA ARG A 243 26.76 14.32 11.06
C ARG A 243 28.01 14.31 11.98
N ALA A 244 28.39 13.14 12.45
CA ALA A 244 29.53 12.99 13.37
C ALA A 244 30.19 11.63 13.13
N PRO A 245 31.48 11.47 13.50
CA PRO A 245 32.21 10.31 13.05
C PRO A 245 31.89 9.02 13.82
N ASN A 246 31.31 9.07 15.01
CA ASN A 246 31.11 7.83 15.75
C ASN A 246 29.66 7.45 15.74
N LYS A 247 29.38 6.15 15.62
CA LYS A 247 27.98 5.67 15.63
C LYS A 247 27.22 6.21 16.83
N ASP A 248 27.89 6.25 17.97
CA ASP A 248 27.24 6.70 19.22
C ASP A 248 27.34 8.22 19.50
N ASP A 249 27.88 9.03 18.57
CA ASP A 249 27.81 10.49 18.77
C ASP A 249 26.32 10.94 18.73
N LYS A 250 25.87 11.70 19.71
CA LYS A 250 24.45 12.09 19.75
C LYS A 250 24.21 13.25 18.83
N HIS A 251 23.07 13.23 18.16
CA HIS A 251 22.64 14.41 17.44
C HIS A 251 22.15 15.40 18.48
N SER A 252 21.95 16.63 18.06
CA SER A 252 21.53 17.70 18.98
C SER A 252 20.63 18.65 18.25
N GLU A 253 19.43 18.79 18.78
CA GLU A 253 18.47 19.73 18.24
C GLU A 253 18.92 21.13 18.58
N ALA A 254 19.48 21.31 19.76
CA ALA A 254 20.06 22.60 20.18
C ALA A 254 21.11 23.15 19.21
N VAL A 255 21.97 22.27 18.72
CA VAL A 255 23.00 22.64 17.74
C VAL A 255 22.33 23.10 16.43
N ILE A 256 21.25 22.41 16.04
CA ILE A 256 20.57 22.73 14.80
C ILE A 256 19.95 24.12 14.91
N ALA A 257 19.28 24.38 16.02
CA ALA A 257 18.66 25.68 16.22
C ALA A 257 19.69 26.80 16.29
N ALA A 258 20.81 26.54 16.96
CA ALA A 258 21.87 27.56 17.09
C ALA A 258 22.51 27.85 15.74
N ALA A 259 22.72 26.80 14.93
CA ALA A 259 23.21 27.00 13.57
C ALA A 259 22.22 27.80 12.70
N ALA A 260 20.93 27.51 12.87
CA ALA A 260 19.88 28.24 12.16
C ALA A 260 19.90 29.71 12.57
N ARG A 261 19.99 29.97 13.87
CA ARG A 261 20.05 31.36 14.37
C ARG A 261 21.28 32.08 13.77
N LEU A 262 22.44 31.43 13.78
CA LEU A 262 23.65 32.02 13.21
C LEU A 262 23.51 32.32 11.72
N ALA A 263 22.90 31.40 10.97
CA ALA A 263 22.64 31.60 9.56
C ALA A 263 21.68 32.77 9.32
N LEU A 264 20.56 32.76 10.02
CA LEU A 264 19.53 33.78 9.81
C LEU A 264 20.08 35.19 10.09
N GLU A 265 20.82 35.32 11.19
CA GLU A 265 21.39 36.61 11.62
C GLU A 265 22.51 37.11 10.75
N GLY A 266 23.18 36.20 10.02
CA GLY A 266 24.26 36.54 9.11
C GLY A 266 23.86 37.02 7.74
N LEU A 267 22.59 36.91 7.41
CA LEU A 267 22.10 37.38 6.11
C LEU A 267 22.06 38.90 5.98
N GLY A 268 22.72 39.38 4.93
CA GLY A 268 22.89 40.79 4.65
C GLY A 268 24.22 41.24 5.28
N LEU B 4 -5.27 -45.21 -4.79
CA LEU B 4 -4.21 -45.35 -5.89
C LEU B 4 -4.11 -44.06 -6.69
N THR B 5 -3.53 -43.06 -6.03
CA THR B 5 -3.72 -41.67 -6.45
C THR B 5 -3.02 -41.39 -7.77
N ASN B 6 -1.96 -42.15 -8.07
CA ASN B 6 -1.29 -42.02 -9.37
C ASN B 6 -2.26 -42.26 -10.53
N LEU B 7 -3.16 -43.21 -10.38
CA LEU B 7 -4.12 -43.48 -11.47
C LEU B 7 -5.16 -42.36 -11.56
N VAL B 8 -5.57 -41.84 -10.40
CA VAL B 8 -6.51 -40.71 -10.32
C VAL B 8 -5.89 -39.44 -10.94
N ALA B 9 -4.62 -39.23 -10.68
CA ALA B 9 -3.88 -38.07 -11.15
C ALA B 9 -3.60 -38.00 -12.66
N GLU B 10 -3.56 -39.16 -13.34
CA GLU B 10 -2.94 -39.28 -14.67
C GLU B 10 -3.50 -38.27 -15.67
N PRO B 11 -4.85 -38.13 -15.75
CA PRO B 11 -5.38 -37.17 -16.72
C PRO B 11 -5.18 -35.68 -16.36
N PHE B 12 -5.03 -35.34 -15.08
CA PHE B 12 -4.70 -33.96 -14.72
C PHE B 12 -3.30 -33.56 -15.19
N ALA B 13 -2.33 -34.46 -15.04
CA ALA B 13 -0.96 -34.15 -15.46
C ALA B 13 -0.91 -33.82 -16.95
N LYS B 14 -1.67 -34.58 -17.74
CA LYS B 14 -1.81 -34.33 -19.19
C LYS B 14 -2.42 -32.96 -19.46
N LEU B 15 -3.55 -32.71 -18.83
CA LEU B 15 -4.22 -31.44 -18.96
C LEU B 15 -3.29 -30.28 -18.62
N GLU B 16 -2.51 -30.41 -17.56
CA GLU B 16 -1.68 -29.29 -17.15
C GLU B 16 -0.47 -29.10 -18.09
N GLN B 17 0.03 -30.16 -18.73
CA GLN B 17 1.11 -30.00 -19.76
C GLN B 17 0.62 -29.14 -20.92
N ASP B 18 -0.51 -29.54 -21.51
CA ASP B 18 -1.20 -28.77 -22.56
C ASP B 18 -1.51 -27.32 -22.18
N PHE B 19 -1.88 -27.10 -20.93
CA PHE B 19 -2.14 -25.75 -20.43
C PHE B 19 -0.88 -24.89 -20.34
N GLY B 20 0.26 -25.49 -19.98
CA GLY B 20 1.50 -24.75 -19.77
C GLY B 20 1.69 -24.17 -18.37
N GLY B 21 0.98 -24.71 -17.41
CA GLY B 21 1.05 -24.22 -16.04
C GLY B 21 0.75 -25.34 -15.06
N SER B 22 0.36 -24.96 -13.85
CA SER B 22 0.01 -25.89 -12.78
C SER B 22 -1.49 -25.76 -12.53
N ILE B 23 -2.14 -26.91 -12.29
CA ILE B 23 -3.56 -27.01 -11.98
C ILE B 23 -3.68 -27.65 -10.60
N GLY B 24 -4.44 -27.04 -9.69
CA GLY B 24 -4.76 -27.65 -8.39
C GLY B 24 -6.23 -28.02 -8.32
N VAL B 25 -6.53 -29.22 -7.84
CA VAL B 25 -7.89 -29.73 -7.82
C VAL B 25 -8.18 -30.41 -6.50
N TYR B 26 -9.32 -30.12 -5.91
CA TYR B 26 -9.81 -30.95 -4.81
C TYR B 26 -11.29 -31.07 -4.91
N ALA B 27 -11.82 -32.28 -4.68
CA ALA B 27 -13.25 -32.51 -4.75
C ALA B 27 -13.64 -33.50 -3.65
N MET B 28 -14.76 -33.21 -2.97
CA MET B 28 -15.28 -33.99 -1.83
C MET B 28 -16.74 -34.39 -2.11
N ASP B 29 -17.04 -35.69 -2.06
CA ASP B 29 -18.43 -36.17 -2.03
C ASP B 29 -18.84 -36.15 -0.58
N THR B 30 -19.80 -35.30 -0.24
CA THR B 30 -20.28 -35.17 1.13
C THR B 30 -21.14 -36.36 1.63
N GLY B 31 -21.57 -37.24 0.74
CA GLY B 31 -22.31 -38.47 1.17
C GLY B 31 -21.32 -39.53 1.59
N SER B 32 -20.54 -39.97 0.62
CA SER B 32 -19.56 -41.02 0.82
C SER B 32 -18.24 -40.67 1.53
N GLY B 33 -17.92 -39.38 1.64
CA GLY B 33 -16.56 -38.98 2.01
C GLY B 33 -15.48 -39.20 0.95
N ALA B 34 -15.84 -39.66 -0.25
CA ALA B 34 -14.87 -39.87 -1.34
C ALA B 34 -14.25 -38.53 -1.79
N THR B 35 -12.96 -38.55 -2.12
CA THR B 35 -12.23 -37.36 -2.59
C THR B 35 -11.41 -37.63 -3.87
N VAL B 36 -11.11 -36.56 -4.58
CA VAL B 36 -10.15 -36.54 -5.67
C VAL B 36 -9.24 -35.35 -5.43
N SER B 37 -7.94 -35.51 -5.67
N SER B 37 -7.92 -35.58 -5.53
CA SER B 37 -6.96 -34.55 -5.20
CA SER B 37 -6.88 -34.60 -5.20
C SER B 37 -5.76 -34.49 -6.14
C SER B 37 -5.84 -34.52 -6.31
N TYR B 38 -5.47 -33.31 -6.69
CA TYR B 38 -4.30 -33.09 -7.55
C TYR B 38 -3.68 -31.74 -7.22
N ARG B 39 -2.45 -31.74 -6.72
CA ARG B 39 -1.80 -30.54 -6.18
C ARG B 39 -2.70 -29.84 -5.17
N ALA B 40 -3.44 -30.61 -4.39
CA ALA B 40 -4.48 -30.04 -3.50
C ALA B 40 -3.94 -29.28 -2.32
N GLU B 41 -2.69 -29.55 -1.94
CA GLU B 41 -2.04 -28.85 -0.83
C GLU B 41 -1.15 -27.67 -1.29
N GLU B 42 -0.99 -27.47 -2.60
CA GLU B 42 -0.17 -26.39 -3.12
C GLU B 42 -0.94 -25.06 -3.03
N ARG B 43 -0.21 -23.96 -2.89
CA ARG B 43 -0.80 -22.61 -2.83
C ARG B 43 -1.07 -22.03 -4.23
N PHE B 44 -2.25 -21.42 -4.40
CA PHE B 44 -2.58 -20.69 -5.62
C PHE B 44 -3.16 -19.35 -5.20
N PRO B 45 -2.93 -18.29 -6.00
CA PRO B 45 -3.60 -17.00 -5.67
C PRO B 45 -5.14 -17.08 -5.76
N LEU B 46 -5.80 -16.44 -4.77
CA LEU B 46 -7.24 -16.43 -4.69
C LEU B 46 -7.85 -15.56 -5.77
N CYS B 47 -7.18 -14.47 -6.14
CA CYS B 47 -7.81 -13.47 -7.02
C CYS B 47 -9.22 -13.14 -6.50
N SER B 48 -10.23 -12.99 -7.37
CA SER B 48 -11.55 -12.60 -6.94
C SER B 48 -12.25 -13.65 -6.09
N SER B 49 -11.74 -14.88 -6.07
CA SER B 49 -12.46 -15.98 -5.41
C SER B 49 -12.59 -15.79 -3.88
N PHE B 50 -11.79 -14.90 -3.27
CA PHE B 50 -11.97 -14.62 -1.86
C PHE B 50 -13.35 -14.03 -1.56
N LYS B 51 -14.01 -13.42 -2.55
CA LYS B 51 -15.23 -12.68 -2.27
C LYS B 51 -16.39 -13.58 -1.77
N GLY B 52 -16.39 -14.87 -2.15
CA GLY B 52 -17.36 -15.82 -1.61
C GLY B 52 -17.17 -15.95 -0.12
N PHE B 53 -15.93 -16.20 0.30
CA PHE B 53 -15.64 -16.27 1.74
C PHE B 53 -15.91 -14.95 2.45
N LEU B 54 -15.63 -13.83 1.77
CA LEU B 54 -15.95 -12.50 2.25
C LEU B 54 -17.44 -12.38 2.60
N ALA B 55 -18.31 -12.79 1.69
CA ALA B 55 -19.74 -12.77 1.95
C ALA B 55 -20.12 -13.63 3.17
N ALA B 56 -19.54 -14.82 3.25
CA ALA B 56 -19.75 -15.71 4.39
C ALA B 56 -19.32 -15.07 5.71
N ALA B 57 -18.20 -14.34 5.70
CA ALA B 57 -17.70 -13.66 6.91
C ALA B 57 -18.67 -12.57 7.33
N VAL B 58 -19.23 -11.86 6.35
CA VAL B 58 -20.25 -10.83 6.61
C VAL B 58 -21.48 -11.52 7.24
N LEU B 59 -21.88 -12.65 6.66
CA LEU B 59 -23.03 -13.38 7.23
C LEU B 59 -22.77 -13.81 8.66
N ALA B 60 -21.56 -14.27 8.96
CA ALA B 60 -21.17 -14.67 10.33
C ALA B 60 -21.24 -13.47 11.28
N ARG B 61 -20.73 -12.33 10.81
CA ARG B 61 -20.79 -11.10 11.59
C ARG B 61 -22.21 -10.68 11.85
N SER B 62 -23.12 -10.95 10.90
CA SER B 62 -24.54 -10.64 11.06
C SER B 62 -25.24 -11.44 12.17
N GLN B 63 -24.65 -12.56 12.58
CA GLN B 63 -25.10 -13.31 13.76
C GLN B 63 -24.65 -12.61 15.06
N GLN B 64 -23.59 -11.80 14.98
CA GLN B 64 -22.93 -11.11 16.12
C GLN B 64 -23.52 -9.72 16.35
N GLN B 65 -24.22 -9.19 15.33
CA GLN B 65 -24.72 -7.78 15.28
C GLN B 65 -25.88 -7.63 14.31
N ALA B 66 -27.08 -7.45 14.86
CA ALA B 66 -28.33 -7.97 14.23
C ALA B 66 -28.91 -7.24 13.02
N GLY B 67 -28.60 -5.97 12.85
CA GLY B 67 -29.09 -5.24 11.68
C GLY B 67 -28.10 -5.17 10.52
N LEU B 68 -27.03 -5.97 10.55
CA LEU B 68 -25.88 -5.72 9.66
C LEU B 68 -26.25 -5.79 8.18
N LEU B 69 -26.93 -6.86 7.76
CA LEU B 69 -27.24 -7.00 6.31
C LEU B 69 -28.10 -5.85 5.77
N ASP B 70 -28.90 -5.23 6.64
CA ASP B 70 -29.74 -4.09 6.23
C ASP B 70 -29.05 -2.74 6.22
N THR B 71 -27.85 -2.65 6.78
CA THR B 71 -27.17 -1.39 6.97
C THR B 71 -26.87 -0.79 5.60
N PRO B 72 -27.32 0.44 5.36
CA PRO B 72 -26.90 1.07 4.10
C PRO B 72 -25.48 1.61 4.20
N ILE B 73 -24.70 1.37 3.15
CA ILE B 73 -23.37 1.89 3.00
C ILE B 73 -23.39 2.88 1.86
N ARG B 74 -23.25 4.15 2.21
CA ARG B 74 -23.35 5.22 1.23
C ARG B 74 -21.93 5.67 1.04
N TYR B 75 -21.41 5.52 -0.17
CA TYR B 75 -19.96 5.66 -0.39
C TYR B 75 -19.77 6.76 -1.41
N GLY B 76 -18.58 7.33 -1.43
CA GLY B 76 -18.22 8.31 -2.44
C GLY B 76 -17.54 7.76 -3.66
N LYS B 77 -17.38 8.62 -4.66
CA LYS B 77 -16.79 8.20 -5.94
C LYS B 77 -15.39 7.61 -5.82
N ASN B 78 -14.62 8.06 -4.83
CA ASN B 78 -13.27 7.53 -4.62
C ASN B 78 -13.23 6.11 -4.05
N ALA B 79 -14.34 5.56 -3.57
CA ALA B 79 -14.47 4.14 -3.25
C ALA B 79 -14.44 3.23 -4.49
N LEU B 80 -14.73 3.79 -5.66
CA LEU B 80 -14.76 3.00 -6.88
C LEU B 80 -13.36 2.66 -7.31
N VAL B 81 -13.18 1.41 -7.72
CA VAL B 81 -11.93 0.94 -8.26
C VAL B 81 -12.29 0.16 -9.51
N PRO B 82 -11.28 -0.24 -10.29
CA PRO B 82 -11.65 -0.96 -11.50
C PRO B 82 -12.44 -2.24 -11.27
N TRP B 83 -13.34 -2.53 -12.23
CA TRP B 83 -14.24 -3.69 -12.23
C TRP B 83 -15.20 -3.56 -11.05
N SER B 84 -15.89 -2.44 -11.00
CA SER B 84 -16.93 -2.23 -9.98
C SER B 84 -18.27 -1.83 -10.65
N PRO B 85 -18.80 -2.71 -11.52
CA PRO B 85 -19.96 -2.32 -12.33
C PRO B 85 -21.26 -2.04 -11.53
N ILE B 86 -21.49 -2.83 -10.49
CA ILE B 86 -22.69 -2.69 -9.67
C ILE B 86 -22.56 -1.49 -8.75
N SER B 87 -21.43 -1.39 -8.04
CA SER B 87 -21.14 -0.21 -7.19
C SER B 87 -21.25 1.10 -7.96
N GLU B 88 -20.77 1.12 -9.20
CA GLU B 88 -20.81 2.38 -10.00
C GLU B 88 -22.25 2.82 -10.26
N LYS B 89 -23.10 1.85 -10.58
CA LYS B 89 -24.55 1.97 -10.87
C LYS B 89 -25.35 2.61 -9.70
N TYR B 90 -24.95 2.33 -8.47
CA TYR B 90 -25.67 2.81 -7.27
C TYR B 90 -24.90 3.88 -6.49
N LEU B 91 -23.90 4.49 -7.14
CA LEU B 91 -23.14 5.58 -6.49
C LEU B 91 -24.06 6.67 -5.97
N THR B 92 -25.12 6.98 -6.70
CA THR B 92 -26.03 8.09 -6.37
C THR B 92 -26.99 7.77 -5.22
N THR B 93 -27.04 6.51 -4.74
CA THR B 93 -27.84 6.19 -3.56
C THR B 93 -27.14 5.50 -2.43
N GLY B 94 -26.12 4.72 -2.73
CA GLY B 94 -25.59 3.76 -1.78
C GLY B 94 -26.24 2.38 -1.93
N MET B 95 -25.65 1.41 -1.26
CA MET B 95 -26.14 0.01 -1.28
C MET B 95 -26.11 -0.54 0.12
N THR B 96 -27.05 -1.44 0.40
CA THR B 96 -27.04 -2.14 1.67
C THR B 96 -25.93 -3.15 1.67
N VAL B 97 -25.53 -3.56 2.86
CA VAL B 97 -24.52 -4.65 3.04
C VAL B 97 -24.92 -5.91 2.26
N ALA B 98 -26.21 -6.26 2.31
CA ALA B 98 -26.72 -7.40 1.55
C ALA B 98 -26.52 -7.24 0.04
N GLU B 99 -26.85 -6.06 -0.49
CA GLU B 99 -26.66 -5.76 -1.90
C GLU B 99 -25.18 -5.82 -2.27
N LEU B 100 -24.35 -5.29 -1.40
CA LEU B 100 -22.90 -5.29 -1.64
C LEU B 100 -22.40 -6.73 -1.70
N SER B 101 -22.91 -7.55 -0.80
CA SER B 101 -22.50 -8.93 -0.72
C SER B 101 -22.91 -9.67 -1.98
N ALA B 102 -24.15 -9.46 -2.46
CA ALA B 102 -24.61 -10.03 -3.71
C ALA B 102 -23.74 -9.60 -4.89
N ALA B 103 -23.39 -8.32 -4.91
CA ALA B 103 -22.59 -7.77 -5.99
C ALA B 103 -21.18 -8.38 -6.01
N ALA B 104 -20.57 -8.51 -4.83
CA ALA B 104 -19.24 -9.06 -4.69
C ALA B 104 -19.24 -10.53 -5.15
N VAL B 105 -20.24 -11.27 -4.72
CA VAL B 105 -20.31 -12.66 -5.09
C VAL B 105 -20.69 -12.87 -6.55
N GLN B 106 -21.73 -12.18 -6.99
CA GLN B 106 -22.41 -12.55 -8.24
C GLN B 106 -21.93 -11.81 -9.50
N TYR B 107 -21.29 -10.64 -9.30
CA TYR B 107 -20.63 -9.88 -10.37
C TYR B 107 -19.16 -9.60 -10.08
N SER B 108 -18.63 -10.13 -8.99
CA SER B 108 -17.24 -9.96 -8.66
C SER B 108 -16.85 -8.47 -8.49
N ASP B 109 -17.80 -7.68 -8.01
CA ASP B 109 -17.62 -6.24 -7.88
C ASP B 109 -16.49 -5.90 -6.90
N ASN B 110 -15.48 -5.19 -7.39
CA ASN B 110 -14.28 -4.95 -6.58
C ASN B 110 -14.48 -3.89 -5.47
N ALA B 111 -15.13 -2.80 -5.81
CA ALA B 111 -15.43 -1.74 -4.84
C ALA B 111 -16.31 -2.31 -3.72
N ALA B 112 -17.30 -3.10 -4.10
CA ALA B 112 -18.16 -3.72 -3.09
C ALA B 112 -17.30 -4.58 -2.18
N ALA B 113 -16.39 -5.38 -2.76
CA ALA B 113 -15.53 -6.21 -1.92
C ALA B 113 -14.70 -5.38 -0.91
N ASN B 114 -14.17 -4.23 -1.36
CA ASN B 114 -13.36 -3.42 -0.46
C ASN B 114 -14.23 -2.81 0.64
N LEU B 115 -15.44 -2.38 0.30
CA LEU B 115 -16.35 -1.79 1.31
C LEU B 115 -16.70 -2.82 2.39
N LEU B 116 -16.92 -4.08 1.96
CA LEU B 116 -17.19 -5.14 2.90
C LEU B 116 -15.95 -5.45 3.73
N LEU B 117 -14.78 -5.54 3.08
CA LEU B 117 -13.52 -5.71 3.83
C LEU B 117 -13.40 -4.65 4.91
N LYS B 118 -13.78 -3.42 4.59
CA LYS B 118 -13.73 -2.34 5.59
C LYS B 118 -14.58 -2.70 6.82
N GLU B 119 -15.79 -3.22 6.57
CA GLU B 119 -16.67 -3.58 7.67
C GLU B 119 -16.07 -4.68 8.55
N LEU B 120 -15.24 -5.54 7.99
CA LEU B 120 -14.64 -6.64 8.72
C LEU B 120 -13.27 -6.37 9.36
N GLY B 121 -12.76 -5.16 9.22
CA GLY B 121 -11.41 -4.79 9.69
C GLY B 121 -10.29 -5.07 8.71
N GLY B 122 -10.61 -5.08 7.44
CA GLY B 122 -9.61 -5.34 6.43
C GLY B 122 -9.34 -6.79 6.11
N PRO B 123 -8.37 -7.03 5.22
CA PRO B 123 -7.96 -8.38 4.84
C PRO B 123 -7.68 -9.24 6.07
N ALA B 124 -7.01 -8.64 7.06
CA ALA B 124 -6.73 -9.35 8.31
C ALA B 124 -8.00 -9.95 8.96
N GLY B 125 -9.06 -9.15 8.99
CA GLY B 125 -10.35 -9.60 9.51
C GLY B 125 -10.98 -10.74 8.77
N LEU B 126 -10.91 -10.72 7.44
CA LEU B 126 -11.37 -11.88 6.66
C LEU B 126 -10.54 -13.11 6.99
N THR B 127 -9.22 -12.92 7.11
CA THR B 127 -8.33 -14.02 7.45
C THR B 127 -8.69 -14.59 8.82
N ALA B 128 -8.97 -13.69 9.76
CA ALA B 128 -9.36 -14.14 11.12
C ALA B 128 -10.65 -14.93 11.09
N PHE B 129 -11.60 -14.51 10.25
CA PHE B 129 -12.81 -15.28 10.07
C PHE B 129 -12.50 -16.69 9.54
N MET B 130 -11.61 -16.80 8.57
CA MET B 130 -11.29 -18.09 8.04
C MET B 130 -10.61 -18.98 9.11
N ARG B 131 -9.70 -18.40 9.90
CA ARG B 131 -9.15 -19.13 11.01
C ARG B 131 -10.24 -19.59 11.96
N SER B 132 -11.25 -18.74 12.16
CA SER B 132 -12.32 -19.08 13.09
C SER B 132 -13.13 -20.31 12.69
N ILE B 133 -13.15 -20.66 11.41
CA ILE B 133 -13.80 -21.88 10.97
C ILE B 133 -12.85 -23.07 10.80
N GLY B 134 -11.60 -22.92 11.27
CA GLY B 134 -10.60 -23.98 11.24
C GLY B 134 -9.78 -24.08 9.97
N ASP B 135 -9.81 -23.01 9.18
CA ASP B 135 -9.00 -22.92 7.98
C ASP B 135 -7.71 -22.20 8.38
N THR B 136 -6.61 -22.94 8.39
CA THR B 136 -5.32 -22.39 8.75
C THR B 136 -4.46 -22.09 7.50
N THR B 137 -5.01 -22.30 6.31
CA THR B 137 -4.22 -22.15 5.06
C THR B 137 -4.51 -20.80 4.42
N PHE B 138 -5.78 -20.50 4.28
CA PHE B 138 -6.23 -19.21 3.71
C PHE B 138 -5.48 -17.99 4.26
N ARG B 139 -5.08 -17.10 3.36
CA ARG B 139 -4.62 -15.81 3.82
C ARG B 139 -4.99 -14.74 2.79
N LEU B 140 -5.66 -13.68 3.25
CA LEU B 140 -5.80 -12.47 2.49
C LEU B 140 -5.03 -11.40 3.24
N ASP B 141 -4.11 -10.81 2.50
CA ASP B 141 -3.15 -9.84 3.00
C ASP B 141 -3.45 -8.43 2.47
N ARG B 142 -4.03 -8.34 1.28
CA ARG B 142 -4.17 -7.07 0.58
C ARG B 142 -5.58 -6.89 0.11
N TRP B 143 -5.85 -5.67 -0.34
CA TRP B 143 -7.14 -5.27 -0.77
C TRP B 143 -7.25 -5.33 -2.31
N GLU B 144 -8.43 -5.04 -2.86
CA GLU B 144 -8.53 -4.90 -4.29
C GLU B 144 -7.87 -3.57 -4.67
N LEU B 145 -7.06 -3.47 -5.72
CA LEU B 145 -6.73 -4.51 -6.68
C LEU B 145 -5.38 -5.20 -6.43
N GLU B 146 -4.60 -4.74 -5.47
CA GLU B 146 -3.22 -5.25 -5.31
C GLU B 146 -3.15 -6.76 -5.04
N LEU B 147 -4.21 -7.32 -4.44
CA LEU B 147 -4.28 -8.77 -4.17
C LEU B 147 -4.22 -9.65 -5.42
N ASN B 148 -4.42 -9.08 -6.61
CA ASN B 148 -4.37 -9.85 -7.86
C ASN B 148 -2.99 -9.98 -8.50
N SER B 149 -1.92 -9.50 -7.84
CA SER B 149 -0.62 -9.44 -8.49
C SER B 149 -0.14 -10.84 -8.90
N ALA B 150 -0.43 -11.86 -8.07
CA ALA B 150 -0.16 -13.26 -8.44
C ALA B 150 1.30 -13.51 -8.78
N ILE B 151 2.18 -12.74 -8.14
CA ILE B 151 3.63 -12.79 -8.41
C ILE B 151 4.13 -14.19 -8.03
N PRO B 152 4.81 -14.91 -8.96
CA PRO B 152 5.31 -16.23 -8.60
C PRO B 152 6.17 -16.20 -7.33
N GLY B 153 5.91 -17.15 -6.46
CA GLY B 153 6.56 -17.21 -5.13
C GLY B 153 6.02 -16.34 -3.98
N ASP B 154 5.05 -15.46 -4.25
CA ASP B 154 4.41 -14.64 -3.22
C ASP B 154 3.35 -15.53 -2.57
N ALA B 155 3.46 -15.75 -1.26
CA ALA B 155 2.45 -16.49 -0.49
C ALA B 155 1.24 -15.63 -0.19
N ARG B 156 1.34 -14.32 -0.39
CA ARG B 156 0.24 -13.44 -0.03
C ARG B 156 -1.00 -13.71 -0.89
N ASP B 157 -2.17 -13.59 -0.24
CA ASP B 157 -3.47 -13.69 -0.97
C ASP B 157 -3.64 -15.03 -1.69
N THR B 158 -3.31 -16.11 -0.99
CA THR B 158 -3.41 -17.48 -1.53
C THR B 158 -4.17 -18.41 -0.60
N SER B 159 -4.63 -19.52 -1.15
CA SER B 159 -4.99 -20.67 -0.36
C SER B 159 -4.70 -21.91 -1.15
N SER B 160 -5.15 -23.06 -0.65
CA SER B 160 -5.06 -24.33 -1.38
C SER B 160 -6.41 -24.84 -1.81
N PRO B 161 -6.43 -25.62 -2.88
CA PRO B 161 -7.72 -26.21 -3.32
C PRO B 161 -8.40 -27.03 -2.21
N ARG B 162 -7.62 -27.79 -1.45
CA ARG B 162 -8.20 -28.53 -0.32
C ARG B 162 -8.84 -27.62 0.73
N ALA B 163 -8.12 -26.59 1.17
CA ALA B 163 -8.62 -25.69 2.22
C ALA B 163 -9.83 -24.89 1.74
N VAL B 164 -9.80 -24.43 0.49
CA VAL B 164 -10.97 -23.79 -0.13
C VAL B 164 -12.20 -24.72 -0.10
N THR B 165 -12.01 -25.96 -0.49
CA THR B 165 -13.12 -26.90 -0.57
C THR B 165 -13.66 -27.19 0.84
N GLU B 166 -12.75 -27.39 1.80
CA GLU B 166 -13.11 -27.69 3.18
C GLU B 166 -13.88 -26.56 3.81
N SER B 167 -13.42 -25.34 3.59
CA SER B 167 -14.08 -24.17 4.14
C SER B 167 -15.47 -23.96 3.50
N LEU B 168 -15.54 -24.10 2.20
CA LEU B 168 -16.79 -23.97 1.47
C LEU B 168 -17.82 -25.00 1.97
N GLN B 169 -17.40 -26.24 2.13
CA GLN B 169 -18.29 -27.28 2.68
C GLN B 169 -18.82 -26.84 4.07
N LYS B 170 -17.91 -26.45 4.96
CA LYS B 170 -18.33 -25.92 6.29
C LYS B 170 -19.42 -24.84 6.28
N LEU B 171 -19.28 -23.91 5.35
CA LEU B 171 -20.10 -22.72 5.31
C LEU B 171 -21.41 -22.99 4.58
N THR B 172 -21.38 -23.79 3.52
CA THR B 172 -22.59 -24.03 2.71
C THR B 172 -23.42 -25.21 3.15
N LEU B 173 -22.76 -26.20 3.77
CA LEU B 173 -23.43 -27.49 4.12
C LEU B 173 -23.32 -27.88 5.60
N GLY B 174 -22.25 -27.45 6.26
CA GLY B 174 -21.95 -27.85 7.62
C GLY B 174 -22.53 -26.86 8.61
N SER B 175 -21.93 -26.81 9.80
CA SER B 175 -22.53 -26.04 10.90
C SER B 175 -21.95 -24.65 11.13
N ALA B 176 -21.07 -24.19 10.25
CA ALA B 176 -20.31 -22.95 10.54
C ALA B 176 -21.20 -21.71 10.63
N LEU B 177 -22.29 -21.70 9.87
CA LEU B 177 -23.25 -20.63 9.88
C LEU B 177 -24.57 -21.15 10.43
N ALA B 178 -25.33 -20.25 11.07
CA ALA B 178 -26.72 -20.56 11.44
C ALA B 178 -27.53 -20.73 10.15
N ALA B 179 -28.65 -21.42 10.27
CA ALA B 179 -29.41 -21.86 9.11
C ALA B 179 -29.81 -20.75 8.13
N PRO B 180 -30.36 -19.62 8.61
CA PRO B 180 -30.73 -18.58 7.64
C PRO B 180 -29.50 -18.05 6.91
N GLN B 181 -28.40 -17.90 7.64
CA GLN B 181 -27.14 -17.41 7.07
C GLN B 181 -26.56 -18.41 6.07
N ARG B 182 -26.56 -19.70 6.42
CA ARG B 182 -26.15 -20.76 5.53
C ARG B 182 -26.91 -20.70 4.19
N GLN B 183 -28.23 -20.62 4.31
CA GLN B 183 -29.09 -20.63 3.13
C GLN B 183 -28.86 -19.37 2.28
N GLN B 184 -28.63 -18.23 2.93
CA GLN B 184 -28.32 -16.97 2.20
C GLN B 184 -27.02 -17.09 1.40
N PHE B 185 -26.01 -17.71 2.01
CA PHE B 185 -24.71 -17.91 1.32
C PHE B 185 -24.88 -18.77 0.11
N VAL B 186 -25.64 -19.86 0.27
CA VAL B 186 -25.95 -20.77 -0.82
C VAL B 186 -26.69 -20.03 -1.94
N ASP B 187 -27.68 -19.22 -1.57
CA ASP B 187 -28.47 -18.50 -2.56
C ASP B 187 -27.62 -17.46 -3.33
N TRP B 188 -26.74 -16.75 -2.63
CA TRP B 188 -25.83 -15.83 -3.32
C TRP B 188 -24.96 -16.61 -4.32
N LEU B 189 -24.37 -17.70 -3.88
CA LEU B 189 -23.52 -18.51 -4.78
C LEU B 189 -24.28 -19.05 -5.96
N LYS B 190 -25.48 -19.54 -5.73
CA LYS B 190 -26.29 -20.07 -6.83
C LYS B 190 -26.58 -19.04 -7.93
N GLY B 191 -26.70 -17.78 -7.55
CA GLY B 191 -26.98 -16.74 -8.51
C GLY B 191 -25.76 -16.09 -9.11
N ASN B 192 -24.58 -16.66 -8.94
CA ASN B 192 -23.42 -16.10 -9.60
C ASN B 192 -23.62 -16.07 -11.11
N THR B 193 -23.17 -14.97 -11.72
CA THR B 193 -23.26 -14.74 -13.18
C THR B 193 -21.98 -15.01 -13.95
N THR B 194 -20.83 -15.13 -13.27
CA THR B 194 -19.53 -15.14 -13.93
C THR B 194 -18.92 -16.52 -14.18
N GLY B 195 -19.61 -17.59 -13.82
CA GLY B 195 -18.99 -18.93 -13.80
C GLY B 195 -19.49 -19.89 -14.83
N ASN B 196 -20.21 -19.40 -15.87
CA ASN B 196 -20.85 -20.34 -16.82
C ASN B 196 -19.89 -21.17 -17.68
N HIS B 197 -18.67 -20.71 -17.91
CA HIS B 197 -17.70 -21.47 -18.68
C HIS B 197 -16.69 -22.24 -17.83
N ARG B 198 -16.92 -22.29 -16.50
CA ARG B 198 -15.99 -22.99 -15.59
C ARG B 198 -16.63 -24.25 -14.97
N ILE B 199 -16.75 -24.38 -13.65
CA ILE B 199 -17.26 -25.63 -13.08
C ILE B 199 -18.65 -25.94 -13.64
N ARG B 200 -19.49 -24.92 -13.77
CA ARG B 200 -20.87 -25.11 -14.29
C ARG B 200 -20.90 -25.80 -15.66
N ALA B 201 -19.91 -25.53 -16.50
CA ALA B 201 -19.83 -26.14 -17.82
C ALA B 201 -19.62 -27.64 -17.78
N ALA B 202 -19.09 -28.17 -16.67
CA ALA B 202 -18.85 -29.60 -16.47
C ALA B 202 -20.03 -30.36 -15.86
N VAL B 203 -21.10 -29.65 -15.49
CA VAL B 203 -22.24 -30.19 -14.76
C VAL B 203 -23.49 -30.01 -15.58
N PRO B 204 -24.40 -31.00 -15.55
CA PRO B 204 -25.66 -30.78 -16.27
C PRO B 204 -26.44 -29.57 -15.75
N ALA B 205 -27.13 -28.86 -16.65
CA ALA B 205 -27.90 -27.68 -16.28
C ALA B 205 -29.04 -27.96 -15.31
N ASP B 206 -29.58 -29.18 -15.29
CA ASP B 206 -30.63 -29.53 -14.31
C ASP B 206 -30.09 -29.83 -12.88
N TRP B 207 -28.77 -29.79 -12.67
CA TRP B 207 -28.20 -29.88 -11.31
C TRP B 207 -27.80 -28.48 -10.81
N ALA B 208 -28.34 -28.07 -9.66
CA ALA B 208 -28.09 -26.76 -9.07
C ALA B 208 -26.61 -26.62 -8.67
N VAL B 209 -26.05 -25.46 -8.96
CA VAL B 209 -24.64 -25.19 -8.69
C VAL B 209 -24.54 -23.77 -8.10
N GLY B 210 -23.74 -23.63 -7.03
CA GLY B 210 -23.31 -22.33 -6.50
C GLY B 210 -21.80 -22.25 -6.65
N ASP B 211 -21.27 -21.14 -7.16
CA ASP B 211 -19.86 -20.99 -7.36
C ASP B 211 -19.36 -19.57 -7.21
N LYS B 212 -18.04 -19.44 -7.05
CA LYS B 212 -17.38 -18.15 -7.15
C LYS B 212 -16.09 -18.29 -7.91
N THR B 213 -15.89 -17.41 -8.89
CA THR B 213 -14.71 -17.40 -9.75
C THR B 213 -13.64 -16.43 -9.27
N GLY B 214 -12.44 -16.62 -9.83
CA GLY B 214 -11.35 -15.67 -9.71
C GLY B 214 -10.56 -15.64 -11.02
N THR B 215 -10.15 -14.45 -11.43
CA THR B 215 -9.31 -14.27 -12.64
C THR B 215 -8.28 -13.13 -12.42
N CYS B 216 -7.06 -13.45 -11.99
CA CYS B 216 -6.10 -12.40 -11.66
C CYS B 216 -5.73 -11.54 -12.89
N GLY B 217 -5.76 -12.15 -14.06
CA GLY B 217 -5.46 -11.47 -15.29
C GLY B 217 -3.97 -11.52 -15.66
N VAL B 218 -3.19 -12.28 -14.91
CA VAL B 218 -1.75 -12.43 -15.15
C VAL B 218 -1.34 -13.82 -14.73
N TYR B 219 -0.16 -14.25 -15.19
CA TYR B 219 0.48 -15.49 -14.75
C TYR B 219 -0.43 -16.72 -14.86
N GLY B 220 -1.22 -16.75 -15.93
CA GLY B 220 -2.19 -17.81 -16.16
C GLY B 220 -3.00 -18.22 -14.93
N THR B 221 -3.35 -17.24 -14.08
CA THR B 221 -3.90 -17.51 -12.75
C THR B 221 -5.39 -17.24 -12.72
N ALA B 222 -6.19 -18.30 -12.63
CA ALA B 222 -7.64 -18.20 -12.60
C ALA B 222 -8.20 -19.38 -11.86
N ASN B 223 -9.42 -19.27 -11.40
CA ASN B 223 -9.98 -20.34 -10.56
C ASN B 223 -11.50 -20.32 -10.47
N ASP B 224 -12.03 -21.37 -9.84
CA ASP B 224 -13.47 -21.48 -9.54
C ASP B 224 -13.63 -22.52 -8.42
N TYR B 225 -14.53 -22.24 -7.48
CA TYR B 225 -15.00 -23.24 -6.53
C TYR B 225 -16.51 -23.30 -6.52
N ALA B 226 -17.06 -24.46 -6.15
CA ALA B 226 -18.47 -24.69 -6.27
C ALA B 226 -19.00 -25.75 -5.33
N VAL B 227 -20.28 -25.59 -4.99
CA VAL B 227 -21.07 -26.66 -4.45
C VAL B 227 -22.02 -27.06 -5.57
N VAL B 228 -22.13 -28.38 -5.79
CA VAL B 228 -23.00 -28.97 -6.81
C VAL B 228 -23.98 -29.93 -6.14
N TRP B 229 -25.26 -29.87 -6.50
CA TRP B 229 -26.27 -30.76 -5.95
C TRP B 229 -26.76 -31.68 -7.06
N PRO B 230 -26.16 -32.87 -7.19
CA PRO B 230 -26.75 -33.82 -8.12
C PRO B 230 -28.13 -34.23 -7.62
N THR B 231 -29.08 -34.36 -8.53
CA THR B 231 -30.49 -34.54 -8.16
C THR B 231 -30.62 -35.81 -7.34
N GLY B 232 -31.25 -35.68 -6.17
CA GLY B 232 -31.45 -36.80 -5.26
C GLY B 232 -30.20 -37.47 -4.73
N ARG B 233 -29.08 -36.76 -4.67
CA ARG B 233 -27.81 -37.32 -4.21
C ARG B 233 -27.12 -36.31 -3.30
N ALA B 234 -26.12 -36.78 -2.57
CA ALA B 234 -25.34 -35.91 -1.67
C ALA B 234 -24.58 -34.85 -2.48
N PRO B 235 -24.54 -33.59 -1.98
CA PRO B 235 -23.81 -32.56 -2.71
C PRO B 235 -22.29 -32.80 -2.76
N ILE B 236 -21.70 -32.27 -3.82
CA ILE B 236 -20.26 -32.27 -4.04
C ILE B 236 -19.72 -30.88 -3.78
N VAL B 237 -18.55 -30.82 -3.15
CA VAL B 237 -17.84 -29.55 -3.05
C VAL B 237 -16.51 -29.68 -3.74
N LEU B 238 -16.11 -28.69 -4.54
CA LEU B 238 -14.86 -28.76 -5.24
C LEU B 238 -14.23 -27.42 -5.56
N ALA B 239 -12.95 -27.48 -5.88
CA ALA B 239 -12.17 -26.29 -6.21
C ALA B 239 -11.13 -26.59 -7.29
N VAL B 240 -10.98 -25.68 -8.24
CA VAL B 240 -10.00 -25.84 -9.33
C VAL B 240 -9.28 -24.52 -9.46
N TYR B 241 -7.97 -24.49 -9.19
CA TYR B 241 -7.12 -23.31 -9.26
C TYR B 241 -6.03 -23.53 -10.28
N THR B 242 -5.60 -22.45 -10.93
CA THR B 242 -4.48 -22.49 -11.89
C THR B 242 -3.48 -21.35 -11.70
N ARG B 243 -2.23 -21.59 -12.11
CA ARG B 243 -1.23 -20.54 -12.26
C ARG B 243 -0.20 -21.00 -13.30
N ALA B 244 0.68 -20.09 -13.69
CA ALA B 244 1.65 -20.40 -14.72
C ALA B 244 2.84 -19.48 -14.50
N PRO B 245 4.00 -19.85 -15.04
CA PRO B 245 5.26 -19.14 -14.71
C PRO B 245 5.48 -17.74 -15.33
N ASN B 246 4.88 -17.44 -16.47
CA ASN B 246 5.15 -16.17 -17.14
C ASN B 246 3.96 -15.23 -17.02
N LYS B 247 4.22 -13.93 -16.88
CA LYS B 247 3.15 -12.94 -16.66
C LYS B 247 2.12 -13.02 -17.77
N ASP B 248 2.60 -13.27 -18.99
CA ASP B 248 1.74 -13.30 -20.18
C ASP B 248 1.18 -14.69 -20.58
N ASP B 249 1.38 -15.71 -19.76
CA ASP B 249 0.67 -16.98 -19.90
C ASP B 249 -0.82 -16.76 -19.69
N LYS B 250 -1.64 -17.19 -20.64
CA LYS B 250 -3.07 -16.92 -20.60
C LYS B 250 -3.74 -17.94 -19.70
N HIS B 251 -4.62 -17.48 -18.83
CA HIS B 251 -5.55 -18.40 -18.18
C HIS B 251 -6.50 -19.00 -19.21
N SER B 252 -7.16 -20.09 -18.81
CA SER B 252 -8.12 -20.82 -19.65
C SER B 252 -9.30 -21.31 -18.82
N GLU B 253 -10.49 -20.86 -19.18
CA GLU B 253 -11.73 -21.38 -18.59
C GLU B 253 -11.94 -22.84 -19.03
N ALA B 254 -11.58 -23.18 -20.27
CA ALA B 254 -11.72 -24.54 -20.74
C ALA B 254 -10.93 -25.55 -19.90
N VAL B 255 -9.72 -25.19 -19.51
CA VAL B 255 -8.91 -25.99 -18.61
C VAL B 255 -9.57 -26.16 -17.24
N ILE B 256 -10.19 -25.11 -16.73
CA ILE B 256 -10.86 -25.22 -15.43
C ILE B 256 -12.05 -26.17 -15.53
N ALA B 257 -12.84 -25.99 -16.57
CA ALA B 257 -14.01 -26.84 -16.78
C ALA B 257 -13.61 -28.31 -16.97
N ALA B 258 -12.57 -28.55 -17.75
CA ALA B 258 -12.17 -29.94 -17.99
C ALA B 258 -11.60 -30.60 -16.73
N ALA B 259 -10.81 -29.85 -15.96
CA ALA B 259 -10.36 -30.33 -14.66
C ALA B 259 -11.53 -30.59 -13.66
N ALA B 260 -12.54 -29.72 -13.65
CA ALA B 260 -13.74 -29.97 -12.84
C ALA B 260 -14.38 -31.29 -13.25
N ARG B 261 -14.52 -31.52 -14.56
CA ARG B 261 -15.13 -32.73 -15.06
C ARG B 261 -14.36 -33.97 -14.64
N LEU B 262 -13.04 -33.97 -14.79
CA LEU B 262 -12.17 -35.10 -14.37
C LEU B 262 -12.27 -35.37 -12.88
N ALA B 263 -12.33 -34.29 -12.08
CA ALA B 263 -12.57 -34.46 -10.63
C ALA B 263 -13.94 -35.09 -10.32
N LEU B 264 -14.99 -34.53 -10.93
CA LEU B 264 -16.36 -35.04 -10.69
C LEU B 264 -16.48 -36.48 -11.17
N GLU B 265 -15.92 -36.76 -12.33
CA GLU B 265 -15.94 -38.15 -12.84
C GLU B 265 -15.21 -39.17 -11.97
N GLY B 266 -14.20 -38.73 -11.23
CA GLY B 266 -13.36 -39.61 -10.44
C GLY B 266 -13.86 -39.94 -9.05
N LEU B 267 -15.01 -39.40 -8.65
CA LEU B 267 -15.44 -39.58 -7.29
C LEU B 267 -16.20 -40.87 -7.11
N GLY B 268 -15.89 -41.58 -6.02
CA GLY B 268 -16.71 -42.73 -5.58
C GLY B 268 -16.56 -43.97 -6.45
S SO4 C . 12.02 13.20 12.27
O1 SO4 C . 11.50 11.95 11.76
O2 SO4 C . 12.53 13.91 11.16
O3 SO4 C . 10.97 13.92 13.02
O4 SO4 C . 13.14 13.02 13.27
S SO4 D . -12.25 5.68 3.01
O1 SO4 D . -13.03 4.55 3.59
O2 SO4 D . -12.49 5.83 1.54
O3 SO4 D . -10.82 5.31 3.13
O4 SO4 D . -12.56 6.95 3.69
CL CL E . 0.98 -6.87 2.63
NAR C8V F . 9.59 9.65 12.65
CAV C8V F . 10.85 9.36 12.38
CAK C8V F . 11.69 9.33 13.51
CB C8V F . 13.14 9.52 13.15
CAN C8V F . 11.21 9.16 11.02
N C8V F . 12.68 9.39 10.89
CAG C8V F . 13.22 10.22 9.98
OAA C8V F . 14.28 10.78 10.06
CA C8V F . 13.40 8.76 11.91
C C8V F . 13.63 7.37 11.85
O C8V F . 13.19 6.70 10.91
NAQ C8V F . 14.16 6.79 12.95
NAP C8V F . 14.48 5.49 12.87
CAT C8V F . 15.65 5.12 12.31
OAB C8V F . 16.31 5.87 11.63
CAW C8V F . 16.09 3.67 12.56
CAJ C8V F . 16.54 3.44 14.00
CAH C8V F . 17.73 4.32 14.32
CAI C8V F . 18.84 3.87 13.37
NAO C8V F . 18.47 4.03 11.95
CAM C8V F . 17.25 3.27 11.66
S SO4 G . 4.31 -4.40 -1.77
O1 SO4 G . 3.50 -5.42 -2.46
O2 SO4 G . 5.71 -4.49 -2.22
O3 SO4 G . 4.29 -4.53 -0.25
O4 SO4 G . 3.76 -3.06 -2.12
S SO4 H . -10.82 -20.26 -22.80
O1 SO4 H . -11.37 -21.53 -22.31
O2 SO4 H . -9.57 -20.55 -23.52
O3 SO4 H . -11.85 -19.68 -23.71
O4 SO4 H . -10.58 -19.26 -21.68
S SO4 I . -14.00 -13.01 -11.86
O1 SO4 I . -15.35 -13.11 -12.51
O2 SO4 I . -13.06 -13.09 -12.96
O3 SO4 I . -13.81 -14.11 -10.95
O4 SO4 I . -13.91 -11.77 -11.13
S SO4 J . 7.67 -11.93 -16.27
O1 SO4 J . 6.84 -12.98 -16.96
O2 SO4 J . 9.05 -12.04 -16.87
O3 SO4 J . 7.71 -12.29 -14.82
O4 SO4 J . 7.18 -10.51 -16.27
CL CL K . -14.98 9.43 -1.48
NAR C8V L . -14.57 -8.72 -12.06
CAV C8V L . -13.36 -9.17 -11.91
CAK C8V L . -12.76 -9.63 -13.05
CB C8V L . -11.30 -9.36 -12.97
CAN C8V L . -12.74 -9.06 -10.63
N C8V L . -11.54 -9.93 -10.61
CAG C8V L . -11.44 -11.03 -9.84
OAA C8V L . -10.61 -11.91 -9.99
CA C8V L . -10.60 -9.47 -11.60
C C8V L . -9.51 -8.76 -11.25
O C8V L . -9.59 -8.09 -10.20
NAQ C8V L . -8.52 -8.71 -12.19
NAP C8V L . -7.42 -8.35 -11.84
CAT C8V L . -7.06 -7.16 -12.31
OAB C8V L . -7.86 -6.37 -12.85
CAW C8V L . -5.57 -6.82 -12.10
CAJ C8V L . -5.43 -5.41 -11.46
CAH C8V L . -4.82 -4.36 -12.38
CAI C8V L . -3.42 -4.92 -12.84
NAO C8V L . -3.46 -6.33 -13.36
CAM C8V L . -4.83 -6.92 -13.45
#